data_6TPI
#
_entry.id   6TPI
#
_cell.length_a   67.031
_cell.length_b   100.470
_cell.length_c   107.780
_cell.angle_alpha   90.000
_cell.angle_beta   90.000
_cell.angle_gamma   90.000
#
_symmetry.space_group_name_H-M   'P 21 21 21'
#
loop_
_entity.id
_entity.type
_entity.pdbx_description
1 polymer 'Murein hydrolase activator EnvC'
2 polymer 'Cell division protein FtsX'
3 water water
#
loop_
_entity_poly.entity_id
_entity_poly.type
_entity_poly.pdbx_seq_one_letter_code
_entity_poly.pdbx_strand_id
1 'polypeptide(L)'
;MDERDQLKSIQADIAAKERAVRQKQQQRASLLAQLKKQEEAISEATRKLRETQNTLNQLNKQIDEMNASIAKLEQQKAAQ
ERSLAAQLDAAFRQGEHTGIQLILSGEESQRGQRLQAYFGYLNQARQETIAQLKQTREEVAMQRAELEEKQSEQQTLLYE
QRAQQAKLTQALNERKKTLAGLESSIQQGQQQLSELRANESRLRNSIARAEAAAKARAEREAREAQAVRDRQKEATRKGT
TYKPTESEKSLMSRTGGLGAPRGQAFWPVRGPTLHRYGEQLQGELRWKGMVIGASEGTEVKAIADGRVILADWLQGYGLV
VVVEHGKGDMSLYGYNQSALVSVGSQVRAGQPIALVGSSGGQGRPSLYFEIRRQGQAVNPQPWLGR
;
A
2 'polypeptide(L)'
;MGQITVYLQKTLDDDAAAGVVAQLQAEQGVEKVNYLSREDALGEFRNWSGFGGALDMLEENPLPAVAVVIPKLDFQGTES
LNTLRDRITQINGIDEVRMDDSLEHHHHHH
;
B,C
#
# COMPACT_ATOMS: atom_id res chain seq x y z
N LEU A 7 -73.49 -19.15 40.04
CA LEU A 7 -72.72 -18.09 40.80
C LEU A 7 -71.24 -18.48 40.91
N LYS A 8 -70.97 -19.78 41.09
CA LYS A 8 -69.63 -20.35 41.38
C LYS A 8 -68.75 -20.26 40.11
N SER A 9 -69.27 -20.75 38.98
CA SER A 9 -68.52 -20.94 37.71
C SER A 9 -68.53 -19.66 36.87
N ILE A 10 -69.51 -18.76 37.04
CA ILE A 10 -69.48 -17.38 36.44
C ILE A 10 -68.29 -16.63 37.05
N GLN A 11 -68.04 -16.86 38.35
CA GLN A 11 -66.99 -16.20 39.20
C GLN A 11 -65.59 -16.76 38.89
N ALA A 12 -65.52 -18.02 38.48
CA ALA A 12 -64.29 -18.71 38.00
C ALA A 12 -63.86 -18.12 36.64
N ASP A 13 -64.85 -17.81 35.78
CA ASP A 13 -64.68 -17.38 34.36
C ASP A 13 -64.36 -15.88 34.28
N ILE A 14 -64.89 -15.05 35.21
CA ILE A 14 -64.56 -13.60 35.38
C ILE A 14 -63.08 -13.46 35.76
N ALA A 15 -62.61 -14.23 36.74
CA ALA A 15 -61.22 -14.21 37.28
C ALA A 15 -60.24 -14.87 36.30
N ALA A 16 -60.73 -15.71 35.38
CA ALA A 16 -59.95 -16.38 34.31
C ALA A 16 -60.13 -15.63 32.97
N LYS A 17 -60.80 -14.47 33.01
CA LYS A 17 -60.97 -13.54 31.85
C LYS A 17 -60.21 -12.24 32.14
N GLU A 18 -59.90 -11.97 33.42
CA GLU A 18 -58.99 -10.87 33.85
C GLU A 18 -57.55 -11.42 33.89
N ARG A 19 -57.36 -12.62 34.45
CA ARG A 19 -56.07 -13.37 34.39
C ARG A 19 -55.58 -13.43 32.94
N ALA A 20 -56.49 -13.74 32.00
CA ALA A 20 -56.20 -13.96 30.56
C ALA A 20 -55.86 -12.65 29.84
N VAL A 21 -56.34 -11.51 30.33
CA VAL A 21 -56.05 -10.16 29.76
C VAL A 21 -54.70 -9.66 30.31
N ARG A 22 -54.40 -9.90 31.59
CA ARG A 22 -53.12 -9.50 32.24
C ARG A 22 -52.00 -10.41 31.74
N GLN A 23 -52.33 -11.64 31.33
CA GLN A 23 -51.41 -12.60 30.65
C GLN A 23 -51.05 -12.09 29.25
N LYS A 24 -52.07 -11.69 28.48
CA LYS A 24 -51.93 -11.22 27.08
C LYS A 24 -51.09 -9.93 27.06
N GLN A 25 -51.38 -9.01 27.98
CA GLN A 25 -50.76 -7.67 28.08
C GLN A 25 -49.27 -7.80 28.42
N GLN A 26 -48.93 -8.66 29.40
CA GLN A 26 -47.53 -8.90 29.84
C GLN A 26 -46.77 -9.71 28.80
N GLN A 27 -47.43 -10.63 28.08
CA GLN A 27 -46.77 -11.44 27.02
C GLN A 27 -46.39 -10.50 25.86
N ARG A 28 -47.27 -9.56 25.53
CA ARG A 28 -47.03 -8.52 24.50
C ARG A 28 -45.89 -7.61 24.95
N ALA A 29 -45.94 -7.09 26.19
CA ALA A 29 -44.93 -6.15 26.75
C ALA A 29 -43.55 -6.80 26.61
N SER A 30 -43.47 -8.08 26.94
CA SER A 30 -42.19 -8.85 26.95
C SER A 30 -41.72 -9.07 25.50
N LEU A 31 -42.62 -9.20 24.52
CA LEU A 31 -42.21 -9.45 23.13
C LEU A 31 -41.68 -8.12 22.55
N LEU A 32 -42.30 -7.02 22.95
CA LEU A 32 -41.89 -5.67 22.50
C LEU A 32 -40.53 -5.30 23.10
N ALA A 33 -40.25 -5.70 24.35
CA ALA A 33 -38.93 -5.43 24.98
C ALA A 33 -37.87 -6.26 24.27
N GLN A 34 -38.24 -7.45 23.77
CA GLN A 34 -37.33 -8.32 22.99
C GLN A 34 -37.08 -7.65 21.63
N LEU A 35 -38.14 -7.18 20.96
CA LEU A 35 -38.03 -6.48 19.66
C LEU A 35 -37.08 -5.29 19.85
N LYS A 36 -37.27 -4.48 20.88
CA LYS A 36 -36.40 -3.30 21.16
C LYS A 36 -34.94 -3.78 21.18
N LYS A 37 -34.63 -4.77 22.01
CA LYS A 37 -33.24 -5.27 22.19
C LYS A 37 -32.71 -5.77 20.85
N GLN A 38 -33.52 -6.47 20.08
CA GLN A 38 -33.02 -7.08 18.83
C GLN A 38 -32.67 -5.97 17.82
N GLU A 39 -33.51 -4.94 17.75
CA GLU A 39 -33.39 -3.87 16.74
C GLU A 39 -32.26 -2.95 17.19
N GLU A 40 -32.01 -2.85 18.50
CA GLU A 40 -30.85 -2.11 19.04
C GLU A 40 -29.58 -2.81 18.58
N ALA A 41 -29.56 -4.15 18.68
CA ALA A 41 -28.41 -4.97 18.26
C ALA A 41 -28.23 -4.89 16.75
N ILE A 42 -29.30 -5.00 15.97
CA ILE A 42 -29.22 -4.91 14.48
C ILE A 42 -28.60 -3.55 14.12
N SER A 43 -29.06 -2.48 14.76
CA SER A 43 -28.59 -1.10 14.51
C SER A 43 -27.08 -0.98 14.81
N GLU A 44 -26.65 -1.33 16.03
CA GLU A 44 -25.24 -1.19 16.48
C GLU A 44 -24.35 -2.08 15.59
N ALA A 45 -24.77 -3.31 15.30
CA ALA A 45 -24.00 -4.25 14.46
C ALA A 45 -23.97 -3.77 13.03
N THR A 46 -25.07 -3.18 12.52
CA THR A 46 -25.10 -2.74 11.10
C THR A 46 -24.12 -1.57 10.96
N ARG A 47 -24.09 -0.69 11.96
CA ARG A 47 -23.19 0.49 11.96
C ARG A 47 -21.73 0.00 11.94
N LYS A 48 -21.35 -0.87 12.88
CA LYS A 48 -19.98 -1.45 12.98
C LYS A 48 -19.58 -2.12 11.66
N LEU A 49 -20.42 -2.97 11.09
CA LEU A 49 -20.07 -3.72 9.85
C LEU A 49 -19.79 -2.70 8.77
N ARG A 50 -20.52 -1.57 8.78
CA ARG A 50 -20.36 -0.53 7.72
C ARG A 50 -18.99 0.16 7.87
N GLU A 51 -18.64 0.59 9.09
CA GLU A 51 -17.37 1.27 9.40
C GLU A 51 -16.21 0.28 9.13
N THR A 52 -16.31 -0.93 9.67
CA THR A 52 -15.37 -2.06 9.45
C THR A 52 -15.15 -2.26 7.95
N GLN A 53 -16.21 -2.40 7.16
CA GLN A 53 -16.06 -2.73 5.73
C GLN A 53 -15.31 -1.59 5.02
N ASN A 54 -15.47 -0.36 5.51
CA ASN A 54 -14.90 0.84 4.84
C ASN A 54 -13.39 0.85 5.13
N THR A 55 -12.98 0.67 6.39
CA THR A 55 -11.55 0.47 6.81
C THR A 55 -10.95 -0.67 6.00
N LEU A 56 -11.63 -1.81 5.89
CA LEU A 56 -11.10 -3.01 5.17
C LEU A 56 -10.82 -2.66 3.71
N ASN A 57 -11.68 -1.87 3.07
CA ASN A 57 -11.52 -1.59 1.63
C ASN A 57 -10.23 -0.80 1.41
N GLN A 58 -9.89 0.08 2.34
CA GLN A 58 -8.64 0.88 2.31
C GLN A 58 -7.43 -0.05 2.54
N LEU A 59 -7.52 -0.93 3.52
CA LEU A 59 -6.44 -1.86 3.94
C LEU A 59 -6.16 -2.85 2.81
N ASN A 60 -7.20 -3.40 2.18
CA ASN A 60 -7.04 -4.39 1.08
C ASN A 60 -6.32 -3.73 -0.08
N LYS A 61 -6.63 -2.48 -0.37
CA LYS A 61 -6.03 -1.71 -1.47
C LYS A 61 -4.53 -1.54 -1.15
N GLN A 62 -4.18 -1.25 0.11
CA GLN A 62 -2.78 -1.07 0.57
C GLN A 62 -2.06 -2.41 0.42
N ILE A 63 -2.69 -3.50 0.88
CA ILE A 63 -2.13 -4.86 0.85
C ILE A 63 -1.91 -5.24 -0.62
N ASP A 64 -2.86 -4.99 -1.51
CA ASP A 64 -2.70 -5.23 -2.97
C ASP A 64 -1.45 -4.52 -3.49
N GLU A 65 -1.34 -3.22 -3.19
CA GLU A 65 -0.22 -2.36 -3.63
C GLU A 65 1.10 -2.90 -3.11
N MET A 66 1.16 -3.26 -1.82
CA MET A 66 2.39 -3.80 -1.20
C MET A 66 2.78 -5.13 -1.88
N ASN A 67 1.84 -6.04 -2.14
CA ASN A 67 2.17 -7.32 -2.81
C ASN A 67 2.71 -7.04 -4.22
N ALA A 68 2.15 -6.06 -4.92
CA ALA A 68 2.61 -5.70 -6.28
C ALA A 68 4.03 -5.15 -6.19
N SER A 69 4.30 -4.30 -5.20
CA SER A 69 5.62 -3.64 -5.06
C SER A 69 6.67 -4.71 -4.71
N ILE A 70 6.32 -5.63 -3.81
CA ILE A 70 7.21 -6.73 -3.33
C ILE A 70 7.53 -7.68 -4.48
N ALA A 71 6.56 -8.07 -5.30
CA ALA A 71 6.78 -8.93 -6.49
C ALA A 71 7.76 -8.26 -7.45
N LYS A 72 7.67 -6.95 -7.65
CA LYS A 72 8.58 -6.20 -8.54
C LYS A 72 10.02 -6.34 -8.02
N LEU A 73 10.23 -6.05 -6.74
CA LEU A 73 11.56 -6.12 -6.09
C LEU A 73 12.06 -7.57 -6.14
N GLU A 74 11.16 -8.55 -5.97
CA GLU A 74 11.56 -9.98 -5.91
C GLU A 74 12.10 -10.36 -7.28
N GLN A 75 11.49 -9.86 -8.36
CA GLN A 75 11.97 -10.10 -9.75
C GLN A 75 13.36 -9.49 -9.88
N GLN A 76 13.52 -8.29 -9.31
CA GLN A 76 14.75 -7.48 -9.42
C GLN A 76 15.87 -8.22 -8.71
N LYS A 77 15.58 -8.67 -7.50
CA LYS A 77 16.48 -9.43 -6.62
C LYS A 77 16.92 -10.73 -7.33
N ALA A 78 16.03 -11.45 -8.00
CA ALA A 78 16.38 -12.72 -8.67
C ALA A 78 17.30 -12.39 -9.84
N ALA A 79 16.98 -11.35 -10.62
CA ALA A 79 17.82 -10.89 -11.74
C ALA A 79 19.20 -10.48 -11.23
N GLN A 80 19.25 -9.72 -10.16
CA GLN A 80 20.54 -9.18 -9.61
C GLN A 80 21.39 -10.35 -9.09
N GLU A 81 20.77 -11.30 -8.40
CA GLU A 81 21.44 -12.52 -7.87
C GLU A 81 22.08 -13.31 -9.04
N ARG A 82 21.30 -13.62 -10.08
CA ARG A 82 21.75 -14.44 -11.24
C ARG A 82 22.90 -13.72 -11.94
N SER A 83 22.79 -12.41 -12.14
CA SER A 83 23.84 -11.59 -12.79
C SER A 83 25.14 -11.60 -11.95
N LEU A 84 25.01 -11.43 -10.63
CA LEU A 84 26.15 -11.43 -9.69
C LEU A 84 26.82 -12.80 -9.69
N ALA A 85 26.04 -13.87 -9.59
CA ALA A 85 26.49 -15.26 -9.62
C ALA A 85 27.24 -15.56 -10.93
N ALA A 86 26.81 -14.98 -12.06
CA ALA A 86 27.48 -15.18 -13.36
C ALA A 86 28.85 -14.51 -13.33
N GLN A 87 28.98 -13.36 -12.64
CA GLN A 87 30.27 -12.63 -12.49
C GLN A 87 31.24 -13.44 -11.62
N LEU A 88 30.77 -13.99 -10.51
CA LEU A 88 31.58 -14.83 -9.60
C LEU A 88 32.07 -16.05 -10.39
N ASP A 89 31.17 -16.68 -11.15
CA ASP A 89 31.48 -17.88 -11.98
C ASP A 89 32.59 -17.51 -12.97
N ALA A 90 32.46 -16.41 -13.75
CA ALA A 90 33.46 -15.97 -14.74
C ALA A 90 34.78 -15.64 -14.04
N ALA A 91 34.74 -15.04 -12.84
CA ALA A 91 35.98 -14.70 -12.08
C ALA A 91 36.70 -16.02 -11.73
N PHE A 92 35.94 -17.02 -11.27
CA PHE A 92 36.44 -18.36 -10.86
C PHE A 92 37.03 -19.08 -12.07
N ARG A 93 36.32 -19.10 -13.20
CA ARG A 93 36.84 -19.69 -14.45
C ARG A 93 38.14 -18.99 -14.84
N GLN A 94 38.29 -17.71 -14.51
CA GLN A 94 39.51 -16.90 -14.87
C GLN A 94 40.69 -17.25 -13.95
N GLY A 95 40.46 -17.89 -12.80
CA GLY A 95 41.47 -18.09 -11.73
C GLY A 95 41.80 -16.78 -11.02
N GLU A 96 40.85 -15.84 -10.89
CA GLU A 96 41.07 -14.51 -10.27
C GLU A 96 41.36 -14.66 -8.78
N HIS A 97 41.02 -15.80 -8.17
CA HIS A 97 41.03 -16.05 -6.71
C HIS A 97 42.35 -16.67 -6.24
N THR A 98 43.16 -17.18 -7.17
CA THR A 98 44.49 -17.82 -6.95
C THR A 98 45.49 -17.24 -7.94
N GLY A 99 45.22 -17.47 -9.24
CA GLY A 99 46.02 -17.03 -10.41
C GLY A 99 45.77 -15.57 -10.75
N ILE A 100 45.97 -14.67 -9.78
CA ILE A 100 45.99 -13.18 -9.97
C ILE A 100 47.23 -12.85 -10.82
N GLN A 101 48.21 -13.75 -10.83
CA GLN A 101 49.56 -13.66 -11.49
C GLN A 101 49.50 -12.91 -12.83
N LEU A 102 48.37 -13.00 -13.56
CA LEU A 102 48.20 -12.40 -14.90
C LEU A 102 48.11 -10.87 -14.78
N ILE A 103 47.84 -10.33 -13.57
CA ILE A 103 47.90 -8.87 -13.25
C ILE A 103 49.35 -8.37 -13.39
N LEU A 104 50.33 -9.20 -12.97
CA LEU A 104 51.77 -8.82 -12.80
C LEU A 104 52.51 -8.91 -14.14
N SER A 105 52.73 -10.12 -14.67
CA SER A 105 53.60 -10.40 -15.85
C SER A 105 53.06 -9.73 -17.11
N GLY A 106 51.78 -9.33 -17.14
CA GLY A 106 51.16 -8.50 -18.19
C GLY A 106 51.05 -7.04 -17.77
N GLU A 107 52.10 -6.24 -18.03
CA GLU A 107 52.17 -4.79 -17.69
C GLU A 107 53.22 -4.09 -18.57
N GLU A 108 52.92 -2.88 -19.07
CA GLU A 108 53.83 -2.03 -19.89
C GLU A 108 53.91 -0.62 -19.29
N SER A 109 54.92 0.17 -19.70
CA SER A 109 55.13 1.60 -19.37
C SER A 109 53.79 2.33 -19.21
N GLN A 110 53.11 2.63 -20.32
CA GLN A 110 51.89 3.49 -20.34
C GLN A 110 50.63 2.63 -20.50
N ARG A 111 50.71 1.47 -21.17
CA ARG A 111 49.57 0.53 -21.31
C ARG A 111 49.21 0.01 -19.91
N GLY A 112 50.23 -0.35 -19.12
CA GLY A 112 50.12 -0.80 -17.71
C GLY A 112 49.57 0.28 -16.78
N GLN A 113 49.93 1.55 -17.00
CA GLN A 113 49.32 2.71 -16.30
C GLN A 113 47.80 2.63 -16.44
N ARG A 114 47.27 2.74 -17.67
CA ARG A 114 45.83 2.60 -18.00
C ARG A 114 45.29 1.27 -17.46
N LEU A 115 45.98 0.16 -17.70
CA LEU A 115 45.55 -1.20 -17.25
C LEU A 115 45.30 -1.17 -15.74
N GLN A 116 46.00 -0.33 -14.98
CA GLN A 116 45.75 -0.18 -13.51
C GLN A 116 44.47 0.64 -13.31
N ALA A 117 44.38 1.84 -13.87
CA ALA A 117 43.17 2.68 -13.79
C ALA A 117 41.94 1.79 -14.04
N TYR A 118 41.97 1.02 -15.13
CA TYR A 118 40.89 0.10 -15.60
C TYR A 118 40.53 -0.89 -14.48
N PHE A 119 41.54 -1.47 -13.82
CA PHE A 119 41.33 -2.38 -12.67
C PHE A 119 40.62 -1.64 -11.53
N GLY A 120 40.89 -0.33 -11.35
CA GLY A 120 40.17 0.55 -10.39
C GLY A 120 38.69 0.68 -10.73
N TYR A 121 38.34 0.93 -11.99
CA TYR A 121 36.93 1.07 -12.45
C TYR A 121 36.18 -0.27 -12.32
N LEU A 122 36.87 -1.39 -12.55
CA LEU A 122 36.27 -2.74 -12.41
C LEU A 122 35.95 -3.00 -10.93
N ASN A 123 36.89 -2.71 -10.03
CA ASN A 123 36.72 -3.01 -8.59
C ASN A 123 35.57 -2.15 -8.06
N GLN A 124 35.44 -0.92 -8.55
CA GLN A 124 34.35 0.04 -8.21
C GLN A 124 33.00 -0.54 -8.65
N ALA A 125 32.87 -0.91 -9.94
CA ALA A 125 31.66 -1.52 -10.54
C ALA A 125 31.23 -2.75 -9.73
N ARG A 126 32.15 -3.65 -9.39
CA ARG A 126 31.85 -4.83 -8.56
C ARG A 126 31.33 -4.43 -7.17
N GLN A 127 31.93 -3.41 -6.56
CA GLN A 127 31.50 -2.89 -5.23
C GLN A 127 30.04 -2.42 -5.34
N GLU A 128 29.72 -1.67 -6.39
CA GLU A 128 28.38 -1.09 -6.69
C GLU A 128 27.37 -2.24 -6.94
N THR A 129 27.76 -3.26 -7.70
CA THR A 129 26.88 -4.42 -7.98
C THR A 129 26.44 -5.04 -6.66
N ILE A 130 27.38 -5.28 -5.75
CA ILE A 130 27.07 -5.94 -4.46
C ILE A 130 26.19 -4.98 -3.63
N ALA A 131 26.46 -3.68 -3.68
CA ALA A 131 25.75 -2.65 -2.89
C ALA A 131 24.30 -2.55 -3.38
N GLN A 132 24.10 -2.60 -4.69
CA GLN A 132 22.77 -2.60 -5.31
C GLN A 132 21.95 -3.81 -4.81
N LEU A 133 22.56 -5.00 -4.79
CA LEU A 133 21.82 -6.22 -4.39
C LEU A 133 21.51 -6.14 -2.89
N LYS A 134 22.49 -5.71 -2.10
CA LYS A 134 22.31 -5.53 -0.63
C LYS A 134 21.10 -4.61 -0.40
N GLN A 135 20.98 -3.57 -1.22
CA GLN A 135 19.91 -2.54 -1.13
C GLN A 135 18.56 -3.14 -1.55
N THR A 136 18.55 -4.02 -2.57
CA THR A 136 17.31 -4.69 -3.05
C THR A 136 16.81 -5.62 -1.94
N ARG A 137 17.71 -6.32 -1.25
CA ARG A 137 17.38 -7.33 -0.22
C ARG A 137 16.80 -6.63 1.00
N GLU A 138 17.35 -5.46 1.32
CA GLU A 138 16.91 -4.61 2.47
C GLU A 138 15.51 -4.02 2.19
N GLU A 139 15.26 -3.51 0.99
CA GLU A 139 13.94 -2.95 0.60
C GLU A 139 12.88 -4.07 0.62
N VAL A 140 13.22 -5.25 0.09
CA VAL A 140 12.33 -6.45 0.08
C VAL A 140 11.95 -6.79 1.50
N ALA A 141 12.96 -6.97 2.37
CA ALA A 141 12.78 -7.43 3.76
C ALA A 141 11.92 -6.41 4.51
N MET A 142 12.20 -5.13 4.29
CA MET A 142 11.44 -4.05 4.95
C MET A 142 9.98 -4.08 4.46
N GLN A 143 9.74 -4.11 3.15
CA GLN A 143 8.37 -4.10 2.57
C GLN A 143 7.61 -5.36 3.04
N ARG A 144 8.29 -6.50 3.22
CA ARG A 144 7.64 -7.73 3.74
C ARG A 144 7.26 -7.54 5.21
N ALA A 145 8.16 -6.98 6.04
CA ALA A 145 7.84 -6.64 7.45
C ALA A 145 6.61 -5.75 7.45
N GLU A 146 6.58 -4.72 6.63
CA GLU A 146 5.46 -3.75 6.59
C GLU A 146 4.19 -4.50 6.16
N LEU A 147 4.30 -5.35 5.12
CA LEU A 147 3.16 -6.13 4.59
C LEU A 147 2.59 -7.02 5.71
N GLU A 148 3.43 -7.71 6.47
CA GLU A 148 2.98 -8.65 7.53
C GLU A 148 2.23 -7.88 8.61
N GLU A 149 2.62 -6.64 8.89
CA GLU A 149 1.95 -5.80 9.91
C GLU A 149 0.57 -5.39 9.38
N LYS A 150 0.47 -5.12 8.08
CA LYS A 150 -0.81 -4.73 7.44
C LYS A 150 -1.74 -5.96 7.39
N GLN A 151 -1.21 -7.15 7.10
CA GLN A 151 -2.01 -8.41 7.06
C GLN A 151 -2.53 -8.71 8.45
N SER A 152 -1.71 -8.48 9.46
CA SER A 152 -2.10 -8.71 10.87
C SER A 152 -3.25 -7.76 11.26
N GLU A 153 -3.15 -6.49 10.86
CA GLU A 153 -4.23 -5.48 11.06
C GLU A 153 -5.49 -5.96 10.33
N GLN A 154 -5.35 -6.47 9.10
CA GLN A 154 -6.52 -6.87 8.29
C GLN A 154 -7.21 -8.05 8.98
N GLN A 155 -6.44 -8.97 9.54
CA GLN A 155 -6.98 -10.20 10.16
C GLN A 155 -7.75 -9.80 11.42
N THR A 156 -7.21 -8.91 12.25
CA THR A 156 -7.94 -8.39 13.45
C THR A 156 -9.26 -7.76 13.01
N LEU A 157 -9.26 -7.04 11.89
CA LEU A 157 -10.49 -6.40 11.36
C LEU A 157 -11.48 -7.47 10.90
N LEU A 158 -11.03 -8.51 10.22
CA LEU A 158 -11.93 -9.56 9.68
C LEU A 158 -12.51 -10.34 10.86
N TYR A 159 -11.77 -10.38 11.95
CA TYR A 159 -12.22 -11.05 13.20
C TYR A 159 -13.36 -10.23 13.82
N GLU A 160 -13.20 -8.92 13.82
CA GLU A 160 -14.24 -7.98 14.30
C GLU A 160 -15.48 -8.11 13.39
N GLN A 161 -15.29 -8.17 12.06
CA GLN A 161 -16.38 -8.30 11.06
C GLN A 161 -17.18 -9.58 11.39
N ARG A 162 -16.47 -10.70 11.55
CA ARG A 162 -17.06 -12.02 11.92
C ARG A 162 -17.88 -11.87 13.20
N ALA A 163 -17.33 -11.30 14.26
CA ALA A 163 -18.04 -11.17 15.55
C ALA A 163 -19.32 -10.35 15.32
N GLN A 164 -19.20 -9.20 14.68
CA GLN A 164 -20.36 -8.29 14.50
C GLN A 164 -21.42 -8.99 13.64
N GLN A 165 -21.00 -9.64 12.55
CA GLN A 165 -21.91 -10.39 11.65
C GLN A 165 -22.67 -11.42 12.49
N ALA A 166 -21.99 -12.08 13.43
CA ALA A 166 -22.62 -13.14 14.25
C ALA A 166 -23.70 -12.48 15.12
N LYS A 167 -23.38 -11.34 15.75
CA LYS A 167 -24.35 -10.54 16.54
C LYS A 167 -25.57 -10.17 15.67
N LEU A 168 -25.33 -9.70 14.44
CA LEU A 168 -26.40 -9.26 13.51
C LEU A 168 -27.26 -10.48 13.14
N THR A 169 -26.65 -11.59 12.72
CA THR A 169 -27.38 -12.80 12.22
C THR A 169 -28.27 -13.30 13.35
N GLN A 170 -27.74 -13.37 14.56
CA GLN A 170 -28.48 -13.85 15.76
C GLN A 170 -29.70 -12.94 15.91
N ALA A 171 -29.46 -11.65 16.07
CA ALA A 171 -30.48 -10.61 16.29
C ALA A 171 -31.56 -10.71 15.21
N LEU A 172 -31.21 -10.87 13.94
CA LEU A 172 -32.19 -11.02 12.83
C LEU A 172 -33.03 -12.31 13.04
N ASN A 173 -32.39 -13.45 13.27
CA ASN A 173 -33.06 -14.76 13.52
C ASN A 173 -34.04 -14.62 14.67
N GLU A 174 -33.63 -14.00 15.79
CA GLU A 174 -34.47 -13.82 17.00
C GLU A 174 -35.62 -12.83 16.71
N ARG A 175 -35.40 -11.84 15.85
CA ARG A 175 -36.42 -10.80 15.50
C ARG A 175 -37.54 -11.45 14.69
N LYS A 176 -37.20 -12.32 13.73
CA LYS A 176 -38.19 -13.08 12.92
C LYS A 176 -39.16 -13.79 13.87
N LYS A 177 -38.62 -14.44 14.90
CA LYS A 177 -39.41 -15.18 15.92
C LYS A 177 -40.21 -14.21 16.79
N THR A 178 -39.69 -13.04 17.16
CA THR A 178 -40.43 -12.09 18.05
C THR A 178 -41.63 -11.50 17.28
N LEU A 179 -41.48 -11.19 16.00
CA LEU A 179 -42.53 -10.52 15.20
C LEU A 179 -43.64 -11.53 14.87
N ALA A 180 -43.29 -12.77 14.52
CA ALA A 180 -44.28 -13.86 14.33
C ALA A 180 -45.14 -13.96 15.59
N GLY A 181 -44.51 -13.96 16.76
CA GLY A 181 -45.17 -13.88 18.09
C GLY A 181 -46.11 -12.70 18.20
N LEU A 182 -45.66 -11.51 17.79
CA LEU A 182 -46.45 -10.25 17.94
C LEU A 182 -47.62 -10.27 16.95
N GLU A 183 -47.43 -10.86 15.77
CA GLU A 183 -48.48 -11.03 14.74
C GLU A 183 -49.58 -11.97 15.27
N SER A 184 -49.27 -12.87 16.21
CA SER A 184 -50.23 -13.79 16.88
C SER A 184 -51.23 -13.03 17.75
N SER A 185 -50.75 -12.10 18.58
CA SER A 185 -51.59 -11.27 19.48
C SER A 185 -52.33 -10.23 18.62
N ILE A 186 -53.52 -10.60 18.12
CA ILE A 186 -54.43 -9.69 17.36
C ILE A 186 -54.76 -8.50 18.29
N GLN A 187 -54.54 -7.27 17.81
CA GLN A 187 -54.77 -6.01 18.56
C GLN A 187 -56.04 -5.33 18.03
N GLN A 188 -57.14 -5.40 18.78
CA GLN A 188 -58.47 -4.82 18.39
C GLN A 188 -58.36 -3.28 18.29
N GLY A 189 -59.28 -2.66 17.55
CA GLY A 189 -59.27 -1.24 17.17
C GLY A 189 -58.88 -0.31 18.31
N GLN A 190 -59.49 -0.46 19.48
CA GLN A 190 -59.50 0.61 20.53
C GLN A 190 -58.17 0.62 21.30
N GLN A 191 -57.51 -0.53 21.41
CA GLN A 191 -56.21 -0.61 22.11
C GLN A 191 -55.07 -0.30 21.11
N GLN A 192 -55.30 -0.41 19.80
CA GLN A 192 -54.36 0.11 18.78
C GLN A 192 -54.29 1.63 18.92
N LEU A 193 -55.45 2.30 18.84
CA LEU A 193 -55.62 3.75 19.04
C LEU A 193 -54.95 4.15 20.34
N SER A 194 -55.14 3.34 21.37
CA SER A 194 -54.56 3.58 22.71
C SER A 194 -53.02 3.49 22.61
N GLU A 195 -52.48 2.46 21.97
CA GLU A 195 -51.02 2.34 21.79
C GLU A 195 -50.52 3.51 20.94
N LEU A 196 -51.20 3.86 19.85
CA LEU A 196 -50.76 4.96 18.97
C LEU A 196 -50.65 6.26 19.79
N ARG A 197 -51.65 6.60 20.62
CA ARG A 197 -51.64 7.86 21.42
C ARG A 197 -50.51 7.82 22.45
N ALA A 198 -50.28 6.68 23.10
CA ALA A 198 -49.25 6.51 24.13
C ALA A 198 -47.83 6.49 23.50
N ASN A 199 -47.69 5.87 22.33
CA ASN A 199 -46.43 5.85 21.54
C ASN A 199 -46.00 7.29 21.22
N GLU A 200 -46.94 8.12 20.76
N GLU A 200 -46.92 8.15 20.75
CA GLU A 200 -46.74 9.56 20.43
CA GLU A 200 -46.65 9.59 20.44
C GLU A 200 -46.31 10.35 21.67
C GLU A 200 -46.25 10.33 21.71
N SER A 201 -46.99 10.12 22.80
CA SER A 201 -46.72 10.74 24.13
C SER A 201 -45.31 10.38 24.61
N ARG A 202 -44.92 9.11 24.56
CA ARG A 202 -43.58 8.64 24.99
C ARG A 202 -42.54 9.31 24.09
N LEU A 203 -42.78 9.34 22.78
CA LEU A 203 -41.84 9.99 21.82
C LEU A 203 -41.62 11.45 22.23
N ARG A 204 -42.70 12.15 22.57
N ARG A 204 -42.71 12.16 22.56
CA ARG A 204 -42.68 13.57 23.01
CA ARG A 204 -42.67 13.58 23.02
C ARG A 204 -41.79 13.71 24.24
C ARG A 204 -41.76 13.70 24.25
N ASN A 205 -41.96 12.82 25.24
CA ASN A 205 -41.17 12.83 26.51
C ASN A 205 -39.69 12.60 26.20
N SER A 206 -39.38 11.67 25.30
CA SER A 206 -37.98 11.37 24.89
C SER A 206 -37.31 12.58 24.24
N ILE A 207 -38.03 13.29 23.37
CA ILE A 207 -37.51 14.52 22.69
C ILE A 207 -37.23 15.60 23.75
N ALA A 208 -38.14 15.80 24.72
CA ALA A 208 -38.04 16.86 25.76
C ALA A 208 -36.79 16.60 26.60
N ARG A 209 -36.60 15.34 27.02
CA ARG A 209 -35.43 14.87 27.81
C ARG A 209 -34.13 15.06 27.01
N ALA A 210 -34.13 14.73 25.71
CA ALA A 210 -32.96 14.93 24.81
C ALA A 210 -32.66 16.44 24.73
N GLU A 211 -33.71 17.24 24.59
CA GLU A 211 -33.65 18.73 24.52
C GLU A 211 -33.11 19.30 25.83
N ALA A 212 -33.64 18.85 26.96
CA ALA A 212 -33.22 19.29 28.32
C ALA A 212 -31.71 19.07 28.44
N ALA A 213 -31.22 17.90 28.04
CA ALA A 213 -29.80 17.48 28.10
C ALA A 213 -28.94 18.27 27.09
N ALA A 214 -29.52 18.83 26.02
CA ALA A 214 -28.79 19.64 25.01
C ALA A 214 -28.75 21.13 25.39
N LYS A 215 -29.54 21.57 26.37
CA LYS A 215 -29.87 23.01 26.53
C LYS A 215 -28.61 23.84 26.84
N ALA A 216 -27.83 23.44 27.83
CA ALA A 216 -26.57 24.13 28.17
C ALA A 216 -25.81 24.32 26.86
N ARG A 217 -25.49 23.22 26.16
CA ARG A 217 -24.69 23.34 24.91
C ARG A 217 -25.41 24.25 23.90
N ALA A 218 -26.71 24.02 23.67
CA ALA A 218 -27.47 24.74 22.63
C ALA A 218 -27.44 26.24 22.93
N GLU A 219 -27.56 26.60 24.21
CA GLU A 219 -27.65 28.02 24.65
C GLU A 219 -26.29 28.73 24.47
N ARG A 220 -25.19 28.06 24.80
CA ARG A 220 -23.81 28.58 24.60
C ARG A 220 -23.57 28.81 23.10
N GLU A 221 -23.90 27.83 22.26
CA GLU A 221 -23.61 27.88 20.81
C GLU A 221 -24.42 29.02 20.19
N ALA A 222 -25.65 29.23 20.64
CA ALA A 222 -26.54 30.28 20.11
C ALA A 222 -25.92 31.64 20.45
N ARG A 223 -25.57 31.84 21.73
CA ARG A 223 -24.87 33.06 22.20
C ARG A 223 -23.67 33.27 21.30
N GLU A 224 -22.79 32.26 21.19
CA GLU A 224 -21.52 32.38 20.43
C GLU A 224 -21.84 32.73 18.96
N ALA A 225 -22.93 32.17 18.41
CA ALA A 225 -23.35 32.36 17.00
C ALA A 225 -23.80 33.80 16.80
N GLN A 226 -24.51 34.38 17.77
CA GLN A 226 -25.10 35.74 17.68
C GLN A 226 -23.95 36.75 17.76
N ALA A 227 -23.00 36.50 18.67
CA ALA A 227 -21.71 37.25 18.75
C ALA A 227 -21.10 37.36 17.35
N VAL A 228 -21.15 36.33 16.50
CA VAL A 228 -20.59 36.40 15.12
C VAL A 228 -21.43 37.38 14.28
N ARG A 229 -22.76 37.20 14.24
N ARG A 229 -22.76 37.22 14.26
CA ARG A 229 -23.71 38.11 13.54
CA ARG A 229 -23.69 38.12 13.52
C ARG A 229 -23.47 39.53 14.04
C ARG A 229 -23.49 39.54 14.04
N ASP A 230 -23.48 39.73 15.37
CA ASP A 230 -23.18 41.03 16.03
C ASP A 230 -21.86 41.59 15.52
N ARG A 231 -20.73 40.87 15.71
CA ARG A 231 -19.36 41.34 15.30
C ARG A 231 -19.36 41.77 13.83
N GLN A 232 -20.31 41.29 13.02
CA GLN A 232 -20.49 41.71 11.60
C GLN A 232 -21.38 42.95 11.51
N LYS A 233 -22.02 43.36 12.61
CA LYS A 233 -22.75 44.66 12.72
C LYS A 233 -21.70 45.79 12.81
N GLU A 234 -20.80 45.73 13.79
CA GLU A 234 -19.62 46.64 13.91
C GLU A 234 -18.88 46.71 12.56
N ALA A 235 -18.87 45.61 11.80
CA ALA A 235 -18.33 45.56 10.41
C ALA A 235 -19.18 46.49 9.53
N THR A 236 -20.42 46.10 9.19
CA THR A 236 -21.33 46.90 8.33
C THR A 236 -21.44 48.34 8.86
N ARG A 237 -21.89 48.52 10.10
CA ARG A 237 -22.27 49.84 10.67
C ARG A 237 -21.02 50.71 10.93
N LYS A 238 -19.80 50.15 10.84
CA LYS A 238 -18.54 50.94 10.96
C LYS A 238 -17.77 50.90 9.64
N GLY A 239 -18.45 50.60 8.53
CA GLY A 239 -17.88 50.64 7.17
C GLY A 239 -16.71 49.69 6.97
N THR A 240 -16.92 48.39 7.21
CA THR A 240 -16.01 47.27 6.89
C THR A 240 -16.85 46.03 6.60
N THR A 241 -16.19 44.89 6.31
CA THR A 241 -16.77 43.53 6.32
C THR A 241 -15.90 42.66 7.25
N TYR A 242 -16.55 41.91 8.15
CA TYR A 242 -15.93 40.80 8.93
C TYR A 242 -16.21 39.48 8.20
N LYS A 243 -15.14 38.76 7.86
CA LYS A 243 -15.19 37.39 7.28
C LYS A 243 -15.23 36.42 8.46
N PRO A 244 -16.37 35.73 8.74
CA PRO A 244 -16.38 34.72 9.80
C PRO A 244 -15.59 33.50 9.29
N THR A 245 -14.87 32.81 10.18
CA THR A 245 -14.13 31.55 9.90
C THR A 245 -15.10 30.46 9.42
N GLU A 246 -14.56 29.41 8.80
CA GLU A 246 -15.39 28.31 8.22
C GLU A 246 -16.18 27.68 9.38
N SER A 247 -15.61 27.66 10.58
CA SER A 247 -16.22 27.04 11.78
C SER A 247 -17.32 27.95 12.35
N GLU A 248 -17.11 29.26 12.30
CA GLU A 248 -18.15 30.25 12.71
C GLU A 248 -19.35 30.13 11.74
N LYS A 249 -19.08 29.88 10.45
CA LYS A 249 -20.13 29.67 9.43
C LYS A 249 -20.88 28.36 9.75
N SER A 250 -20.17 27.31 10.16
CA SER A 250 -20.74 26.01 10.57
C SER A 250 -21.59 26.20 11.84
N LEU A 251 -21.07 26.94 12.83
CA LEU A 251 -21.78 27.25 14.09
C LEU A 251 -23.11 27.96 13.78
N MET A 252 -23.11 28.93 12.87
CA MET A 252 -24.31 29.75 12.54
C MET A 252 -25.35 28.85 11.83
N SER A 253 -24.90 28.05 10.87
CA SER A 253 -25.74 27.06 10.16
C SER A 253 -26.39 26.10 11.17
N ARG A 254 -25.62 25.53 12.11
CA ARG A 254 -26.10 24.48 13.07
C ARG A 254 -27.10 25.05 14.07
N THR A 255 -27.14 26.37 14.25
CA THR A 255 -27.86 27.01 15.38
C THR A 255 -28.94 27.97 14.90
N GLY A 256 -29.01 28.26 13.59
CA GLY A 256 -29.89 29.29 13.01
C GLY A 256 -31.28 28.77 12.70
N GLY A 257 -31.53 27.48 12.89
CA GLY A 257 -32.83 26.84 12.61
C GLY A 257 -32.98 26.56 11.13
N LEU A 258 -34.13 26.03 10.71
CA LEU A 258 -34.36 25.52 9.35
C LEU A 258 -34.84 26.65 8.44
N GLY A 259 -35.16 27.81 9.01
CA GLY A 259 -35.58 28.97 8.20
C GLY A 259 -37.01 28.81 7.70
N ALA A 260 -37.43 29.69 6.81
CA ALA A 260 -38.78 29.67 6.21
C ALA A 260 -38.81 28.53 5.20
N PRO A 261 -39.91 27.75 5.16
CA PRO A 261 -39.99 26.59 4.26
C PRO A 261 -40.05 27.00 2.79
N ARG A 262 -38.92 26.83 2.08
CA ARG A 262 -38.76 27.18 0.65
C ARG A 262 -38.05 26.06 -0.12
N GLY A 263 -38.20 24.82 0.31
CA GLY A 263 -37.65 23.68 -0.44
C GLY A 263 -36.14 23.76 -0.53
N GLN A 264 -35.48 24.34 0.47
CA GLN A 264 -34.00 24.51 0.51
C GLN A 264 -33.34 23.26 1.13
N ALA A 265 -34.04 22.43 1.90
CA ALA A 265 -33.41 21.30 2.66
C ALA A 265 -33.18 20.10 1.74
N PHE A 266 -32.26 19.20 2.09
CA PHE A 266 -32.08 17.91 1.38
C PHE A 266 -33.25 16.98 1.72
N TRP A 267 -33.77 16.29 0.72
CA TRP A 267 -34.60 15.08 0.88
C TRP A 267 -33.82 14.09 1.74
N PRO A 268 -34.41 13.61 2.86
CA PRO A 268 -33.73 12.65 3.73
C PRO A 268 -33.52 11.35 2.95
N VAL A 269 -34.52 10.99 2.15
N VAL A 269 -34.52 10.96 2.16
CA VAL A 269 -34.50 9.83 1.22
CA VAL A 269 -34.46 9.82 1.21
C VAL A 269 -35.42 10.19 0.07
C VAL A 269 -35.40 10.18 0.07
N ARG A 270 -35.18 9.62 -1.11
CA ARG A 270 -36.10 9.82 -2.26
C ARG A 270 -36.88 8.52 -2.46
N GLY A 271 -38.17 8.62 -2.72
CA GLY A 271 -39.04 7.46 -2.87
C GLY A 271 -40.48 7.94 -2.97
N PRO A 272 -41.45 7.02 -3.13
CA PRO A 272 -42.84 7.42 -3.15
C PRO A 272 -43.23 7.94 -1.75
N THR A 273 -44.00 9.03 -1.68
CA THR A 273 -44.61 9.52 -0.41
C THR A 273 -45.83 8.65 -0.11
N LEU A 274 -45.71 7.78 0.92
CA LEU A 274 -46.72 6.74 1.25
C LEU A 274 -47.78 7.33 2.18
N HIS A 275 -47.36 8.25 3.07
CA HIS A 275 -48.24 8.97 4.03
C HIS A 275 -47.75 10.42 4.12
N ARG A 276 -48.69 11.35 4.23
CA ARG A 276 -48.43 12.82 4.35
C ARG A 276 -48.96 13.31 5.69
N TYR A 277 -48.28 14.32 6.26
CA TYR A 277 -48.73 15.04 7.47
C TYR A 277 -50.24 15.36 7.30
N GLY A 278 -51.06 15.03 8.29
CA GLY A 278 -52.48 15.44 8.34
C GLY A 278 -53.37 14.36 7.77
N GLU A 279 -52.86 13.38 7.03
CA GLU A 279 -53.71 12.27 6.52
C GLU A 279 -54.16 11.43 7.71
N GLN A 280 -55.17 10.62 7.51
CA GLN A 280 -55.68 9.74 8.59
C GLN A 280 -54.62 8.67 8.86
N LEU A 281 -54.25 8.54 10.13
CA LEU A 281 -53.36 7.47 10.64
C LEU A 281 -54.27 6.29 11.00
N GLN A 282 -55.15 6.50 11.99
CA GLN A 282 -56.22 5.53 12.37
C GLN A 282 -57.27 6.28 13.18
N GLY A 283 -58.54 5.99 12.89
CA GLY A 283 -59.67 6.74 13.46
C GLY A 283 -59.48 8.20 13.19
N GLU A 284 -59.41 8.97 14.26
CA GLU A 284 -59.34 10.45 14.24
C GLU A 284 -57.87 10.87 14.39
N LEU A 285 -56.95 9.91 14.61
CA LEU A 285 -55.49 10.22 14.73
C LEU A 285 -54.95 10.55 13.34
N ARG A 286 -54.14 11.59 13.24
CA ARG A 286 -53.52 12.03 11.96
C ARG A 286 -52.02 11.76 12.00
N TRP A 287 -51.45 11.54 10.82
CA TRP A 287 -49.99 11.55 10.62
C TRP A 287 -49.45 12.91 11.04
N LYS A 288 -48.42 12.88 11.89
CA LYS A 288 -47.64 14.06 12.36
C LYS A 288 -46.33 14.19 11.56
N GLY A 289 -46.15 13.37 10.52
CA GLY A 289 -44.94 13.36 9.67
C GLY A 289 -45.25 12.72 8.35
N MET A 290 -44.25 12.56 7.48
CA MET A 290 -44.44 11.90 6.17
C MET A 290 -43.75 10.53 6.20
N VAL A 291 -44.24 9.61 5.39
CA VAL A 291 -43.56 8.30 5.18
C VAL A 291 -43.15 8.20 3.72
N ILE A 292 -41.84 8.01 3.52
CA ILE A 292 -41.18 7.89 2.21
C ILE A 292 -40.68 6.45 2.07
N GLY A 293 -41.13 5.78 1.02
CA GLY A 293 -40.78 4.38 0.77
C GLY A 293 -39.39 4.31 0.18
N ALA A 294 -38.62 3.30 0.56
CA ALA A 294 -37.27 3.10 0.03
C ALA A 294 -36.81 1.73 0.50
N SER A 295 -35.84 1.16 -0.21
CA SER A 295 -35.19 -0.13 0.06
C SER A 295 -34.62 -0.14 1.47
N GLU A 296 -34.70 -1.28 2.14
CA GLU A 296 -33.96 -1.46 3.40
C GLU A 296 -32.48 -1.17 3.13
N GLY A 297 -31.84 -0.40 4.01
CA GLY A 297 -30.40 -0.10 3.89
C GLY A 297 -30.15 1.17 3.11
N THR A 298 -31.16 1.76 2.45
CA THR A 298 -30.98 3.05 1.77
C THR A 298 -30.48 4.09 2.79
N GLU A 299 -29.50 4.90 2.41
CA GLU A 299 -28.91 5.91 3.31
C GLU A 299 -29.95 7.02 3.56
N VAL A 300 -30.11 7.40 4.83
CA VAL A 300 -30.96 8.54 5.27
C VAL A 300 -30.02 9.73 5.45
N LYS A 301 -30.32 10.85 4.79
CA LYS A 301 -29.48 12.07 4.82
C LYS A 301 -30.06 13.10 5.81
N ALA A 302 -29.20 13.70 6.61
CA ALA A 302 -29.54 14.90 7.40
C ALA A 302 -30.12 15.94 6.43
N ILE A 303 -31.24 16.58 6.74
CA ILE A 303 -31.88 17.51 5.75
C ILE A 303 -31.11 18.84 5.77
N ALA A 304 -30.37 19.09 6.86
CA ALA A 304 -29.69 20.37 7.13
C ALA A 304 -28.59 20.14 8.16
N ASP A 305 -27.67 21.11 8.26
CA ASP A 305 -26.62 21.15 9.31
C ASP A 305 -27.30 21.14 10.67
N GLY A 306 -26.76 20.35 11.60
CA GLY A 306 -27.15 20.41 13.01
C GLY A 306 -26.32 19.46 13.86
N ARG A 307 -26.87 19.08 15.01
CA ARG A 307 -26.28 18.08 15.93
C ARG A 307 -27.33 17.03 16.33
N VAL A 308 -26.96 15.74 16.37
CA VAL A 308 -27.84 14.63 16.85
C VAL A 308 -28.07 14.78 18.35
N ILE A 309 -29.31 14.77 18.83
CA ILE A 309 -29.64 14.90 20.30
C ILE A 309 -30.39 13.66 20.82
N LEU A 310 -30.79 12.76 19.93
CA LEU A 310 -31.51 11.51 20.26
C LEU A 310 -31.23 10.46 19.19
N ALA A 311 -30.99 9.23 19.62
CA ALA A 311 -30.82 8.03 18.76
C ALA A 311 -31.28 6.81 19.56
N ASP A 312 -32.58 6.65 19.68
CA ASP A 312 -33.22 5.63 20.55
C ASP A 312 -34.30 4.86 19.77
N TRP A 313 -34.52 3.62 20.19
CA TRP A 313 -35.71 2.81 19.82
C TRP A 313 -36.89 3.27 20.67
N LEU A 314 -37.98 3.68 20.02
CA LEU A 314 -39.27 4.06 20.64
C LEU A 314 -40.40 3.24 20.03
N GLN A 315 -41.25 2.68 20.89
CA GLN A 315 -42.38 1.82 20.45
C GLN A 315 -43.20 2.57 19.40
N GLY A 316 -43.58 1.86 18.33
CA GLY A 316 -44.34 2.44 17.21
C GLY A 316 -43.45 3.11 16.18
N TYR A 317 -42.29 3.66 16.58
CA TYR A 317 -41.41 4.45 15.69
C TYR A 317 -40.11 3.72 15.40
N GLY A 318 -39.76 2.72 16.20
CA GLY A 318 -38.51 1.98 15.99
C GLY A 318 -37.36 2.92 16.26
N LEU A 319 -36.26 2.73 15.54
CA LEU A 319 -35.02 3.49 15.74
C LEU A 319 -35.22 4.92 15.21
N VAL A 320 -35.21 5.88 16.13
CA VAL A 320 -35.49 7.33 15.87
C VAL A 320 -34.20 8.11 16.12
N VAL A 321 -33.77 8.86 15.12
CA VAL A 321 -32.68 9.88 15.18
C VAL A 321 -33.35 11.26 15.16
N VAL A 322 -32.98 12.14 16.09
CA VAL A 322 -33.42 13.57 16.10
C VAL A 322 -32.17 14.45 15.97
N VAL A 323 -32.22 15.38 15.02
CA VAL A 323 -31.16 16.37 14.72
C VAL A 323 -31.67 17.75 15.13
N GLU A 324 -31.00 18.37 16.10
CA GLU A 324 -31.23 19.78 16.50
C GLU A 324 -30.67 20.71 15.42
N HIS A 325 -31.48 21.66 14.93
CA HIS A 325 -31.06 22.66 13.92
C HIS A 325 -30.94 24.07 14.53
N GLY A 326 -31.22 24.20 15.84
CA GLY A 326 -31.24 25.47 16.57
C GLY A 326 -32.60 26.13 16.49
N LYS A 327 -32.86 27.05 17.43
CA LYS A 327 -34.10 27.85 17.54
C LYS A 327 -35.29 26.91 17.76
N GLY A 328 -35.09 25.76 18.40
CA GLY A 328 -36.17 24.80 18.68
C GLY A 328 -36.63 24.03 17.44
N ASP A 329 -36.00 24.22 16.28
CA ASP A 329 -36.20 23.42 15.05
C ASP A 329 -35.44 22.08 15.15
N MET A 330 -36.13 20.99 14.82
CA MET A 330 -35.61 19.61 14.85
C MET A 330 -36.10 18.86 13.61
N SER A 331 -35.27 17.96 13.08
CA SER A 331 -35.67 16.98 12.06
C SER A 331 -35.62 15.59 12.71
N LEU A 332 -36.61 14.75 12.40
CA LEU A 332 -36.80 13.45 13.08
C LEU A 332 -36.93 12.35 12.02
N TYR A 333 -36.20 11.26 12.26
CA TYR A 333 -35.94 10.18 11.29
C TYR A 333 -36.22 8.86 12.02
N GLY A 334 -37.25 8.12 11.60
CA GLY A 334 -37.68 6.91 12.32
C GLY A 334 -37.79 5.72 11.40
N TYR A 335 -38.10 4.59 11.99
CA TYR A 335 -38.27 3.26 11.35
C TYR A 335 -36.92 2.70 10.91
N ASN A 336 -35.82 3.32 11.36
CA ASN A 336 -34.47 3.06 10.81
C ASN A 336 -34.01 1.63 11.13
N GLN A 337 -33.33 1.02 10.15
CA GLN A 337 -32.51 -0.20 10.36
C GLN A 337 -31.39 0.12 11.35
N SER A 338 -30.65 1.21 11.10
CA SER A 338 -29.42 1.53 11.85
C SER A 338 -29.31 3.03 12.03
N ALA A 339 -28.83 3.46 13.20
CA ALA A 339 -28.34 4.84 13.44
C ALA A 339 -26.84 4.85 13.12
N LEU A 340 -26.40 5.70 12.20
CA LEU A 340 -25.00 5.74 11.72
C LEU A 340 -24.20 6.78 12.50
N VAL A 341 -24.86 7.53 13.38
CA VAL A 341 -24.23 8.66 14.13
C VAL A 341 -24.70 8.59 15.56
N SER A 342 -23.85 9.03 16.50
CA SER A 342 -24.12 8.96 17.96
C SER A 342 -24.68 10.29 18.43
N VAL A 343 -25.33 10.31 19.57
CA VAL A 343 -25.82 11.55 20.20
C VAL A 343 -24.61 12.45 20.48
N GLY A 344 -24.70 13.73 20.12
CA GLY A 344 -23.66 14.74 20.34
C GLY A 344 -22.85 14.99 19.10
N SER A 345 -22.87 14.06 18.12
CA SER A 345 -22.18 14.25 16.82
C SER A 345 -22.85 15.36 16.00
N GLN A 346 -22.02 16.23 15.47
CA GLN A 346 -22.46 17.31 14.57
C GLN A 346 -22.75 16.61 13.24
N VAL A 347 -23.75 17.07 12.47
CA VAL A 347 -24.02 16.48 11.13
C VAL A 347 -24.09 17.60 10.10
N ARG A 348 -23.80 17.24 8.85
CA ARG A 348 -23.81 18.16 7.69
C ARG A 348 -25.05 17.87 6.85
N ALA A 349 -25.64 18.89 6.26
CA ALA A 349 -26.70 18.72 5.25
C ALA A 349 -26.22 17.65 4.29
N GLY A 350 -27.01 16.60 4.07
CA GLY A 350 -26.73 15.60 3.04
C GLY A 350 -25.92 14.41 3.56
N GLN A 351 -25.44 14.46 4.81
CA GLN A 351 -24.62 13.40 5.45
C GLN A 351 -25.51 12.19 5.82
N PRO A 352 -25.09 10.93 5.54
CA PRO A 352 -25.82 9.76 6.03
C PRO A 352 -25.86 9.71 7.57
N ILE A 353 -27.05 9.60 8.15
CA ILE A 353 -27.22 9.52 9.63
C ILE A 353 -27.88 8.20 10.03
N ALA A 354 -28.40 7.44 9.07
CA ALA A 354 -29.18 6.21 9.35
C ALA A 354 -29.38 5.44 8.05
N LEU A 355 -29.85 4.20 8.17
CA LEU A 355 -30.24 3.37 7.01
C LEU A 355 -31.72 3.03 7.17
N VAL A 356 -32.46 3.09 6.07
CA VAL A 356 -33.91 2.85 6.04
C VAL A 356 -34.12 1.45 6.58
N GLY A 357 -35.12 1.30 7.45
CA GLY A 357 -35.60 -0.05 7.80
C GLY A 357 -37.07 -0.09 8.10
N SER A 358 -37.43 -0.96 9.03
CA SER A 358 -38.83 -1.15 9.43
C SER A 358 -38.87 -1.44 10.92
N SER A 359 -37.94 -0.80 11.64
CA SER A 359 -37.80 -0.99 13.09
C SER A 359 -39.08 -0.51 13.75
N GLY A 360 -39.43 -1.15 14.86
CA GLY A 360 -40.71 -0.92 15.53
C GLY A 360 -41.83 -1.77 14.95
N GLY A 361 -41.54 -2.65 13.99
CA GLY A 361 -42.51 -3.60 13.42
C GLY A 361 -43.36 -3.03 12.29
N GLN A 362 -42.75 -2.32 11.34
CA GLN A 362 -43.47 -1.76 10.17
C GLN A 362 -43.63 -2.88 9.14
N GLY A 363 -44.63 -2.79 8.28
CA GLY A 363 -44.93 -3.78 7.23
C GLY A 363 -43.97 -3.74 6.05
N ARG A 364 -43.23 -2.67 5.86
CA ARG A 364 -42.35 -2.51 4.70
C ARG A 364 -41.27 -1.49 5.03
N PRO A 365 -40.11 -1.54 4.33
CA PRO A 365 -39.07 -0.55 4.60
C PRO A 365 -39.53 0.84 4.13
N SER A 366 -39.24 1.82 4.97
CA SER A 366 -39.66 3.22 4.75
C SER A 366 -38.98 4.12 5.77
N LEU A 367 -38.98 5.40 5.45
CA LEU A 367 -38.53 6.43 6.41
C LEU A 367 -39.75 7.17 6.96
N TYR A 368 -39.85 7.23 8.29
CA TYR A 368 -40.70 8.19 9.03
C TYR A 368 -39.93 9.49 9.21
N PHE A 369 -40.53 10.61 8.77
CA PHE A 369 -39.81 11.90 8.73
C PHE A 369 -40.68 13.01 9.32
N GLU A 370 -40.20 13.68 10.35
CA GLU A 370 -40.88 14.86 10.91
C GLU A 370 -39.96 16.06 10.82
N ILE A 371 -40.55 17.24 10.72
CA ILE A 371 -39.92 18.51 11.14
C ILE A 371 -40.76 19.05 12.31
N ARG A 372 -40.09 19.39 13.41
CA ARG A 372 -40.71 19.98 14.61
C ARG A 372 -40.23 21.43 14.77
N ARG A 373 -41.17 22.33 15.06
CA ARG A 373 -40.92 23.73 15.44
C ARG A 373 -41.72 24.00 16.71
N GLN A 374 -41.10 24.67 17.70
CA GLN A 374 -41.79 25.08 18.96
C GLN A 374 -42.45 23.86 19.59
N GLY A 375 -41.74 22.74 19.64
CA GLY A 375 -42.22 21.51 20.30
C GLY A 375 -43.38 20.84 19.58
N GLN A 376 -43.69 21.22 18.34
CA GLN A 376 -44.85 20.71 17.54
C GLN A 376 -44.37 20.21 16.18
N ALA A 377 -44.71 18.97 15.83
CA ALA A 377 -44.58 18.49 14.43
C ALA A 377 -45.37 19.44 13.54
N VAL A 378 -44.79 19.81 12.41
CA VAL A 378 -45.44 20.60 11.33
C VAL A 378 -45.28 19.82 10.03
N ASN A 379 -46.10 20.15 9.03
CA ASN A 379 -45.97 19.56 7.68
C ASN A 379 -44.53 19.77 7.25
N PRO A 380 -43.70 18.71 7.10
CA PRO A 380 -42.30 18.87 6.72
C PRO A 380 -42.15 19.11 5.22
N GLN A 381 -43.19 18.84 4.44
CA GLN A 381 -43.09 18.86 2.95
C GLN A 381 -42.43 20.13 2.43
N PRO A 382 -42.84 21.35 2.84
CA PRO A 382 -42.40 22.55 2.12
C PRO A 382 -40.91 22.94 2.32
N TRP A 383 -40.19 22.28 3.22
CA TRP A 383 -38.70 22.38 3.26
C TRP A 383 -38.01 21.50 2.21
N LEU A 384 -38.69 20.53 1.61
CA LEU A 384 -38.01 19.55 0.75
C LEU A 384 -37.90 20.07 -0.69
N GLY A 385 -36.68 20.02 -1.21
CA GLY A 385 -36.30 20.51 -2.55
C GLY A 385 -35.18 19.68 -3.20
N ARG A 386 -34.03 19.54 -2.51
CA ARG A 386 -32.74 19.14 -3.16
C ARG A 386 -32.12 17.87 -2.54
N GLY B 2 51.01 -27.85 -21.19
CA GLY B 2 49.73 -27.24 -21.63
C GLY B 2 48.52 -28.00 -21.12
N GLN B 3 48.27 -27.97 -19.80
CA GLN B 3 47.04 -28.53 -19.18
C GLN B 3 45.79 -27.89 -19.80
N ILE B 4 44.74 -28.69 -19.97
CA ILE B 4 43.38 -28.30 -20.42
C ILE B 4 42.47 -28.27 -19.19
N THR B 5 41.83 -27.12 -18.89
CA THR B 5 40.87 -26.99 -17.77
C THR B 5 39.46 -27.17 -18.35
N VAL B 6 38.69 -28.09 -17.79
CA VAL B 6 37.29 -28.33 -18.23
C VAL B 6 36.37 -27.99 -17.06
N TYR B 7 35.24 -27.35 -17.38
CA TYR B 7 34.18 -26.98 -16.44
C TYR B 7 32.96 -27.83 -16.77
N LEU B 8 32.38 -28.45 -15.74
CA LEU B 8 31.27 -29.40 -15.86
C LEU B 8 29.94 -28.64 -15.86
N GLN B 9 28.95 -29.22 -16.53
CA GLN B 9 27.54 -28.76 -16.38
C GLN B 9 27.22 -28.81 -14.88
N LYS B 10 26.52 -27.82 -14.35
CA LYS B 10 26.32 -27.67 -12.87
C LYS B 10 25.23 -28.62 -12.37
N THR B 11 24.45 -29.24 -13.25
CA THR B 11 23.38 -30.20 -12.89
C THR B 11 23.95 -31.60 -12.66
N LEU B 12 25.25 -31.81 -12.87
CA LEU B 12 25.88 -33.14 -12.67
C LEU B 12 25.95 -33.41 -11.16
N ASP B 13 25.43 -34.57 -10.73
CA ASP B 13 25.62 -35.11 -9.36
C ASP B 13 27.06 -35.64 -9.23
N ASP B 14 27.37 -36.20 -8.04
CA ASP B 14 28.72 -36.71 -7.70
C ASP B 14 29.05 -37.87 -8.63
N ASP B 15 28.12 -38.80 -8.84
CA ASP B 15 28.36 -39.99 -9.68
C ASP B 15 28.68 -39.52 -11.11
N ALA B 16 27.81 -38.71 -11.71
CA ALA B 16 27.91 -38.23 -13.11
C ALA B 16 29.27 -37.53 -13.32
N ALA B 17 29.67 -36.69 -12.37
CA ALA B 17 30.98 -36.00 -12.35
C ALA B 17 32.12 -37.02 -12.36
N ALA B 18 32.03 -38.04 -11.50
CA ALA B 18 33.04 -39.12 -11.36
C ALA B 18 33.16 -39.81 -12.71
N GLY B 19 32.04 -40.02 -13.39
CA GLY B 19 31.99 -40.64 -14.73
C GLY B 19 32.78 -39.82 -15.74
N VAL B 20 32.53 -38.51 -15.78
CA VAL B 20 33.23 -37.58 -16.71
C VAL B 20 34.73 -37.64 -16.43
N VAL B 21 35.10 -37.58 -15.14
CA VAL B 21 36.51 -37.62 -14.65
C VAL B 21 37.16 -38.93 -15.12
N ALA B 22 36.46 -40.05 -15.02
CA ALA B 22 36.98 -41.39 -15.43
C ALA B 22 37.15 -41.40 -16.95
N GLN B 23 36.22 -40.80 -17.70
CA GLN B 23 36.35 -40.73 -19.18
C GLN B 23 37.55 -39.87 -19.60
N LEU B 24 37.86 -38.81 -18.85
CA LEU B 24 39.00 -37.91 -19.17
C LEU B 24 40.28 -38.69 -18.92
N GLN B 25 40.35 -39.38 -17.76
CA GLN B 25 41.49 -40.21 -17.33
C GLN B 25 41.80 -41.29 -18.37
N ALA B 26 40.79 -41.90 -18.96
CA ALA B 26 40.91 -42.99 -19.95
C ALA B 26 41.33 -42.46 -21.33
N GLU B 27 41.40 -41.14 -21.54
CA GLU B 27 41.61 -40.61 -22.91
C GLU B 27 43.09 -40.77 -23.25
N GLN B 28 43.41 -41.11 -24.50
CA GLN B 28 44.79 -41.17 -25.03
C GLN B 28 45.57 -39.89 -24.75
N GLY B 29 46.74 -40.00 -24.15
CA GLY B 29 47.67 -38.88 -23.99
C GLY B 29 47.45 -38.11 -22.71
N VAL B 30 46.55 -38.59 -21.84
CA VAL B 30 46.27 -37.98 -20.51
C VAL B 30 47.07 -38.71 -19.42
N GLU B 31 47.96 -37.98 -18.75
CA GLU B 31 48.75 -38.45 -17.58
C GLU B 31 47.82 -38.56 -16.37
N LYS B 32 47.29 -37.42 -15.89
CA LYS B 32 46.36 -37.34 -14.73
C LYS B 32 45.27 -36.28 -14.95
N VAL B 33 44.23 -36.35 -14.13
CA VAL B 33 43.09 -35.40 -14.06
C VAL B 33 42.92 -35.00 -12.59
N ASN B 34 43.10 -33.73 -12.27
CA ASN B 34 42.79 -33.13 -10.95
C ASN B 34 41.38 -32.55 -11.00
N TYR B 35 40.50 -33.05 -10.14
CA TYR B 35 39.05 -32.75 -10.07
C TYR B 35 38.83 -31.91 -8.83
N LEU B 36 38.02 -30.85 -8.95
CA LEU B 36 37.47 -30.07 -7.81
C LEU B 36 35.95 -30.13 -7.90
N SER B 37 35.32 -30.61 -6.84
CA SER B 37 33.85 -30.68 -6.64
C SER B 37 33.26 -29.27 -6.81
N ARG B 38 31.99 -29.14 -7.13
CA ARG B 38 31.27 -27.83 -6.98
C ARG B 38 31.53 -27.32 -5.57
N GLU B 39 31.33 -28.20 -4.57
CA GLU B 39 31.41 -27.88 -3.11
C GLU B 39 32.85 -27.51 -2.74
N ASP B 40 33.85 -28.15 -3.35
CA ASP B 40 35.29 -27.87 -3.10
C ASP B 40 35.72 -26.61 -3.83
N ALA B 41 35.26 -26.42 -5.07
CA ALA B 41 35.52 -25.19 -5.85
C ALA B 41 35.03 -23.98 -5.05
N LEU B 42 33.85 -24.11 -4.42
CA LEU B 42 33.26 -23.01 -3.61
C LEU B 42 34.15 -22.76 -2.38
N GLY B 43 34.51 -23.82 -1.65
CA GLY B 43 35.48 -23.76 -0.53
C GLY B 43 36.72 -22.96 -0.88
N GLU B 44 37.26 -23.20 -2.07
CA GLU B 44 38.52 -22.54 -2.52
C GLU B 44 38.27 -21.07 -2.84
N PHE B 45 37.17 -20.77 -3.50
CA PHE B 45 36.84 -19.40 -3.98
C PHE B 45 36.55 -18.53 -2.75
N ARG B 46 35.91 -19.14 -1.74
CA ARG B 46 35.38 -18.51 -0.51
C ARG B 46 36.51 -17.83 0.28
N ASN B 47 37.72 -18.40 0.21
CA ASN B 47 38.99 -17.85 0.76
C ASN B 47 39.30 -16.48 0.14
N TRP B 48 39.00 -16.33 -1.15
CA TRP B 48 39.26 -15.07 -1.91
C TRP B 48 38.57 -13.88 -1.25
N SER B 49 39.29 -12.76 -1.09
CA SER B 49 38.76 -11.47 -0.59
C SER B 49 37.86 -10.82 -1.67
N GLY B 50 38.04 -11.18 -2.94
CA GLY B 50 37.24 -10.67 -4.07
C GLY B 50 35.74 -10.66 -3.82
N PHE B 51 35.05 -9.65 -4.36
CA PHE B 51 33.57 -9.45 -4.32
C PHE B 51 33.07 -9.59 -2.86
N GLY B 52 33.63 -8.77 -1.96
CA GLY B 52 33.37 -8.82 -0.51
C GLY B 52 31.88 -8.73 -0.21
N GLY B 53 31.36 -9.75 0.48
CA GLY B 53 29.94 -9.85 0.88
C GLY B 53 29.07 -10.48 -0.21
N ALA B 54 29.63 -10.81 -1.38
CA ALA B 54 28.83 -11.30 -2.54
C ALA B 54 28.22 -12.66 -2.18
N LEU B 55 29.01 -13.61 -1.66
CA LEU B 55 28.56 -15.01 -1.46
C LEU B 55 27.53 -15.12 -0.33
N ASP B 56 27.60 -14.28 0.71
CA ASP B 56 26.57 -14.24 1.80
C ASP B 56 25.17 -13.94 1.23
N MET B 57 25.09 -13.26 0.08
CA MET B 57 23.80 -12.83 -0.51
C MET B 57 23.28 -13.87 -1.53
N LEU B 58 24.05 -14.91 -1.86
CA LEU B 58 23.63 -15.94 -2.86
C LEU B 58 23.27 -17.23 -2.13
N GLU B 59 22.05 -17.72 -2.29
CA GLU B 59 21.58 -18.97 -1.66
C GLU B 59 22.26 -20.17 -2.35
N GLU B 60 22.58 -20.05 -3.65
CA GLU B 60 23.05 -21.17 -4.52
C GLU B 60 24.52 -21.01 -4.87
N ASN B 61 25.22 -22.14 -4.90
CA ASN B 61 26.63 -22.25 -5.34
C ASN B 61 26.68 -21.72 -6.78
N PRO B 62 27.39 -20.62 -7.05
CA PRO B 62 27.44 -20.06 -8.40
C PRO B 62 28.48 -20.74 -9.31
N LEU B 63 29.26 -21.68 -8.76
CA LEU B 63 30.48 -22.21 -9.43
C LEU B 63 30.22 -23.58 -10.06
N PRO B 64 30.94 -23.90 -11.15
CA PRO B 64 30.97 -25.26 -11.69
C PRO B 64 32.01 -26.15 -10.99
N ALA B 65 31.87 -27.47 -11.14
CA ALA B 65 32.99 -28.43 -10.90
C ALA B 65 34.05 -28.17 -11.98
N VAL B 66 35.32 -28.42 -11.66
CA VAL B 66 36.47 -28.27 -12.61
C VAL B 66 37.33 -29.54 -12.58
N ALA B 67 37.86 -29.90 -13.74
CA ALA B 67 38.81 -31.01 -13.95
C ALA B 67 39.94 -30.46 -14.81
N VAL B 68 41.17 -30.50 -14.30
CA VAL B 68 42.41 -30.07 -15.00
C VAL B 68 43.06 -31.32 -15.59
N VAL B 69 43.00 -31.45 -16.91
CA VAL B 69 43.49 -32.60 -17.70
C VAL B 69 44.97 -32.29 -18.01
N ILE B 70 45.89 -33.02 -17.36
CA ILE B 70 47.37 -32.86 -17.52
C ILE B 70 47.84 -33.88 -18.58
N PRO B 71 48.20 -33.44 -19.79
CA PRO B 71 48.60 -34.38 -20.82
C PRO B 71 49.97 -34.98 -20.49
N LYS B 72 50.28 -36.16 -21.04
CA LYS B 72 51.64 -36.79 -21.00
C LYS B 72 52.62 -35.90 -21.76
N LEU B 73 53.90 -35.95 -21.43
CA LEU B 73 54.96 -35.05 -21.99
C LEU B 73 55.04 -35.21 -23.52
N ASP B 74 54.80 -36.41 -24.06
CA ASP B 74 54.86 -36.66 -25.53
C ASP B 74 53.55 -36.29 -26.23
N PHE B 75 52.54 -35.77 -25.51
CA PHE B 75 51.26 -35.25 -26.06
C PHE B 75 51.02 -33.81 -25.59
N GLN B 76 52.07 -32.98 -25.57
CA GLN B 76 52.01 -31.55 -25.15
C GLN B 76 52.25 -30.63 -26.37
N GLY B 77 52.44 -31.20 -27.56
CA GLY B 77 52.54 -30.45 -28.83
C GLY B 77 51.19 -29.92 -29.25
N THR B 78 51.20 -28.94 -30.16
CA THR B 78 50.01 -28.21 -30.68
C THR B 78 48.96 -29.20 -31.17
N GLU B 79 49.33 -30.11 -32.08
CA GLU B 79 48.35 -30.99 -32.76
C GLU B 79 47.82 -32.06 -31.78
N SER B 80 48.67 -32.49 -30.85
CA SER B 80 48.30 -33.45 -29.76
C SER B 80 47.15 -32.84 -28.94
N LEU B 81 47.37 -31.62 -28.45
CA LEU B 81 46.42 -30.87 -27.59
C LEU B 81 45.12 -30.61 -28.35
N ASN B 82 45.16 -30.37 -29.66
CA ASN B 82 43.94 -30.12 -30.47
C ASN B 82 43.10 -31.40 -30.51
N THR B 83 43.72 -32.53 -30.74
CA THR B 83 43.01 -33.83 -30.84
C THR B 83 42.38 -34.15 -29.47
N LEU B 84 43.15 -34.02 -28.40
CA LEU B 84 42.67 -34.31 -27.02
C LEU B 84 41.51 -33.36 -26.69
N ARG B 85 41.65 -32.07 -27.04
CA ARG B 85 40.56 -31.06 -26.92
C ARG B 85 39.31 -31.54 -27.68
N ASP B 86 39.47 -31.97 -28.94
CA ASP B 86 38.33 -32.49 -29.73
C ASP B 86 37.60 -33.58 -28.95
N ARG B 87 38.35 -34.51 -28.34
CA ARG B 87 37.73 -35.70 -27.70
C ARG B 87 37.08 -35.28 -26.37
N ILE B 88 37.77 -34.44 -25.61
CA ILE B 88 37.25 -33.92 -24.31
C ILE B 88 35.92 -33.20 -24.56
N THR B 89 35.81 -32.42 -25.64
CA THR B 89 34.64 -31.53 -25.88
C THR B 89 33.43 -32.41 -26.21
N GLN B 90 33.65 -33.64 -26.68
CA GLN B 90 32.53 -34.56 -27.03
C GLN B 90 32.04 -35.32 -25.79
N ILE B 91 32.72 -35.25 -24.64
CA ILE B 91 32.24 -35.94 -23.40
C ILE B 91 31.02 -35.22 -22.83
N ASN B 92 29.90 -35.92 -22.71
CA ASN B 92 28.65 -35.41 -22.10
C ASN B 92 28.92 -34.95 -20.67
N GLY B 93 28.42 -33.78 -20.29
CA GLY B 93 28.62 -33.18 -18.94
C GLY B 93 29.68 -32.10 -18.94
N ILE B 94 30.40 -31.93 -20.05
CA ILE B 94 31.41 -30.86 -20.23
C ILE B 94 30.66 -29.64 -20.75
N ASP B 95 30.88 -28.49 -20.10
CA ASP B 95 30.27 -27.19 -20.47
C ASP B 95 31.29 -26.38 -21.27
N GLU B 96 32.46 -26.18 -20.68
CA GLU B 96 33.52 -25.30 -21.24
C GLU B 96 34.88 -25.99 -21.12
N VAL B 97 35.71 -25.78 -22.14
CA VAL B 97 37.11 -26.28 -22.25
C VAL B 97 38.04 -25.08 -22.47
N ARG B 98 39.01 -24.86 -21.56
CA ARG B 98 40.06 -23.81 -21.68
C ARG B 98 41.45 -24.45 -21.86
N MET B 99 42.15 -24.07 -22.92
CA MET B 99 43.54 -24.46 -23.25
C MET B 99 44.49 -23.57 -22.45
N ASP B 100 45.68 -24.06 -22.09
CA ASP B 100 46.63 -23.31 -21.23
C ASP B 100 46.90 -21.93 -21.84
N ASP B 101 46.97 -20.92 -20.98
CA ASP B 101 47.20 -19.47 -21.25
C ASP B 101 48.36 -19.30 -22.25
N SER B 102 49.60 -19.60 -21.84
CA SER B 102 50.84 -19.50 -22.65
C SER B 102 51.02 -18.07 -23.18
N GLN C 3 54.62 12.17 -19.19
CA GLN C 3 53.20 12.10 -19.64
C GLN C 3 52.28 11.99 -18.42
N ILE C 4 51.23 12.80 -18.38
CA ILE C 4 50.12 12.71 -17.38
C ILE C 4 48.89 12.18 -18.12
N THR C 5 48.25 11.14 -17.59
CA THR C 5 47.04 10.51 -18.17
C THR C 5 45.82 11.12 -17.49
N VAL C 6 44.84 11.60 -18.26
CA VAL C 6 43.55 12.11 -17.70
C VAL C 6 42.41 11.19 -18.19
N TYR C 7 41.46 10.92 -17.29
CA TYR C 7 40.29 10.05 -17.54
C TYR C 7 39.03 10.93 -17.51
N LEU C 8 38.16 10.75 -18.50
CA LEU C 8 36.94 11.58 -18.71
C LEU C 8 35.79 11.02 -17.88
N GLN C 9 34.85 11.87 -17.49
CA GLN C 9 33.54 11.42 -16.95
C GLN C 9 32.93 10.45 -17.98
N LYS C 10 32.33 9.35 -17.52
CA LYS C 10 31.76 8.26 -18.36
C LYS C 10 30.47 8.74 -19.04
N THR C 11 29.90 9.85 -18.57
CA THR C 11 28.58 10.42 -18.97
C THR C 11 28.68 11.16 -20.31
N LEU C 12 29.89 11.36 -20.85
CA LEU C 12 30.13 12.13 -22.10
C LEU C 12 29.62 11.30 -23.29
N ASP C 13 28.71 11.86 -24.09
CA ASP C 13 28.23 11.26 -25.37
C ASP C 13 29.30 11.48 -26.46
N ASP C 14 29.01 11.05 -27.69
CA ASP C 14 29.91 11.17 -28.87
C ASP C 14 30.29 12.64 -29.09
N ASP C 15 29.30 13.51 -29.16
CA ASP C 15 29.51 14.95 -29.47
C ASP C 15 30.37 15.56 -28.35
N ALA C 16 29.96 15.40 -27.08
CA ALA C 16 30.62 15.99 -25.90
C ALA C 16 32.09 15.55 -25.84
N ALA C 17 32.36 14.26 -26.13
CA ALA C 17 33.73 13.69 -26.22
C ALA C 17 34.52 14.42 -27.30
N ALA C 18 33.93 14.59 -28.49
CA ALA C 18 34.55 15.29 -29.63
C ALA C 18 34.93 16.71 -29.20
N GLY C 19 34.04 17.36 -28.43
CA GLY C 19 34.25 18.70 -27.86
C GLY C 19 35.49 18.73 -26.96
N VAL C 20 35.59 17.79 -26.03
CA VAL C 20 36.74 17.70 -25.08
C VAL C 20 38.03 17.49 -25.88
N VAL C 21 37.99 16.59 -26.89
CA VAL C 21 39.13 16.29 -27.81
C VAL C 21 39.59 17.59 -28.48
N ALA C 22 38.64 18.38 -29.00
CA ALA C 22 38.95 19.67 -29.68
C ALA C 22 39.51 20.66 -28.65
N GLN C 23 38.92 20.68 -27.46
CA GLN C 23 39.20 21.65 -26.38
C GLN C 23 40.63 21.48 -25.86
N LEU C 24 41.16 20.25 -25.80
CA LEU C 24 42.50 19.99 -25.23
C LEU C 24 43.60 19.97 -26.32
N GLN C 25 43.29 20.34 -27.57
CA GLN C 25 44.27 20.30 -28.70
C GLN C 25 45.45 21.26 -28.42
N ALA C 26 45.20 22.42 -27.80
CA ALA C 26 46.21 23.49 -27.60
C ALA C 26 46.08 24.15 -26.22
N GLU C 27 45.81 23.36 -25.17
CA GLU C 27 46.00 23.79 -23.76
C GLU C 27 47.51 23.93 -23.51
N GLN C 28 47.94 24.94 -22.74
CA GLN C 28 49.36 25.35 -22.64
C GLN C 28 50.24 24.18 -22.16
N GLY C 29 51.34 23.92 -22.88
CA GLY C 29 52.39 22.97 -22.48
C GLY C 29 52.15 21.58 -23.03
N VAL C 30 51.03 21.37 -23.75
CA VAL C 30 50.61 20.06 -24.31
C VAL C 30 50.96 20.01 -25.80
N GLU C 31 51.81 19.07 -26.18
CA GLU C 31 52.19 18.78 -27.59
C GLU C 31 51.02 18.07 -28.29
N LYS C 32 50.68 16.86 -27.82
CA LYS C 32 49.60 16.00 -28.38
C LYS C 32 48.80 15.29 -27.27
N VAL C 33 47.60 14.83 -27.62
CA VAL C 33 46.64 14.12 -26.71
C VAL C 33 46.08 12.93 -27.48
N ASN C 34 46.30 11.70 -26.99
CA ASN C 34 45.80 10.47 -27.66
C ASN C 34 44.47 10.03 -27.02
N TYR C 35 43.48 9.75 -27.87
CA TYR C 35 42.10 9.33 -27.50
C TYR C 35 41.97 7.81 -27.66
N LEU C 36 41.40 7.14 -26.66
CA LEU C 36 40.89 5.73 -26.72
C LEU C 36 39.40 5.75 -26.37
N SER C 37 38.58 5.20 -27.25
CA SER C 37 37.12 5.02 -27.08
C SER C 37 36.85 4.24 -25.78
N ARG C 38 35.64 4.38 -25.22
CA ARG C 38 35.14 3.46 -24.16
C ARG C 38 35.31 2.03 -24.69
N GLU C 39 34.85 1.80 -25.92
CA GLU C 39 34.80 0.48 -26.60
C GLU C 39 36.23 -0.02 -26.85
N ASP C 40 37.18 0.88 -27.16
CA ASP C 40 38.61 0.53 -27.42
C ASP C 40 39.30 0.26 -26.08
N ALA C 41 39.04 1.10 -25.07
CA ALA C 41 39.57 0.91 -23.69
C ALA C 41 39.17 -0.48 -23.20
N LEU C 42 37.93 -0.90 -23.45
CA LEU C 42 37.40 -2.21 -22.99
C LEU C 42 38.16 -3.34 -23.74
N GLY C 43 38.27 -3.22 -25.07
CA GLY C 43 39.07 -4.16 -25.89
C GLY C 43 40.47 -4.34 -25.33
N GLU C 44 41.09 -3.25 -24.89
CA GLU C 44 42.49 -3.22 -24.38
C GLU C 44 42.59 -3.96 -23.05
N PHE C 45 41.61 -3.83 -22.15
CA PHE C 45 41.62 -4.55 -20.85
C PHE C 45 41.49 -6.06 -21.11
N ARG C 46 40.58 -6.48 -22.01
CA ARG C 46 40.27 -7.91 -22.29
C ARG C 46 41.50 -8.57 -22.94
N ASN C 47 42.22 -7.81 -23.77
CA ASN C 47 43.37 -8.31 -24.59
C ASN C 47 44.60 -8.49 -23.69
N TRP C 48 44.86 -7.53 -22.80
CA TRP C 48 46.22 -7.28 -22.24
C TRP C 48 46.28 -7.41 -20.71
N SER C 49 45.14 -7.37 -20.01
CA SER C 49 45.11 -7.45 -18.52
C SER C 49 45.34 -8.89 -18.05
N GLY C 50 45.01 -9.88 -18.89
CA GLY C 50 44.92 -11.30 -18.46
C GLY C 50 43.78 -11.57 -17.48
N PHE C 51 42.70 -10.77 -17.49
CA PHE C 51 41.45 -10.98 -16.69
C PHE C 51 40.32 -11.36 -17.65
N GLY C 52 40.64 -11.42 -18.95
CA GLY C 52 39.68 -11.67 -20.03
C GLY C 52 38.46 -10.76 -19.93
N GLY C 53 37.26 -11.36 -19.82
CA GLY C 53 35.98 -10.67 -20.03
C GLY C 53 35.40 -10.10 -18.74
N ALA C 54 36.19 -9.97 -17.67
CA ALA C 54 35.77 -9.51 -16.34
C ALA C 54 34.92 -8.23 -16.42
N LEU C 55 35.34 -7.26 -17.24
CA LEU C 55 34.56 -6.01 -17.51
C LEU C 55 33.26 -6.35 -18.26
N ASP C 56 33.34 -7.25 -19.24
CA ASP C 56 32.20 -7.66 -20.11
C ASP C 56 31.08 -8.26 -19.25
N MET C 57 31.41 -8.83 -18.09
CA MET C 57 30.43 -9.52 -17.22
C MET C 57 29.52 -8.51 -16.50
N LEU C 58 29.82 -7.22 -16.58
CA LEU C 58 29.00 -6.16 -15.95
C LEU C 58 27.92 -5.71 -16.94
N GLU C 59 26.79 -5.24 -16.43
CA GLU C 59 25.63 -4.80 -17.25
C GLU C 59 26.02 -3.52 -18.03
N GLU C 60 26.84 -2.65 -17.43
CA GLU C 60 27.36 -1.39 -18.03
C GLU C 60 28.87 -1.50 -18.25
N ASN C 61 29.38 -0.95 -19.34
CA ASN C 61 30.83 -0.66 -19.52
C ASN C 61 31.27 0.24 -18.36
N PRO C 62 32.17 -0.21 -17.47
CA PRO C 62 32.61 0.63 -16.34
C PRO C 62 33.73 1.61 -16.70
N LEU C 63 34.20 1.61 -17.95
CA LEU C 63 35.37 2.42 -18.37
C LEU C 63 34.92 3.70 -19.06
N PRO C 64 35.66 4.80 -18.82
CA PRO C 64 35.47 6.03 -19.60
C PRO C 64 36.31 6.01 -20.89
N ALA C 65 35.99 6.88 -21.85
CA ALA C 65 36.93 7.27 -22.92
C ALA C 65 38.07 8.08 -22.26
N VAL C 66 39.29 8.02 -22.80
CA VAL C 66 40.53 8.45 -22.06
C VAL C 66 41.41 9.33 -22.96
N ALA C 67 42.21 10.20 -22.32
CA ALA C 67 43.15 11.14 -22.98
C ALA C 67 44.51 11.05 -22.28
N VAL C 68 45.55 10.70 -23.04
CA VAL C 68 46.98 10.72 -22.57
C VAL C 68 47.61 12.02 -23.07
N VAL C 69 47.95 12.92 -22.15
CA VAL C 69 48.60 14.23 -22.42
C VAL C 69 50.11 14.00 -22.55
N ILE C 70 50.66 14.19 -23.76
CA ILE C 70 52.13 14.24 -24.02
C ILE C 70 52.57 15.70 -23.94
N PRO C 71 53.31 16.10 -22.88
CA PRO C 71 53.72 17.51 -22.75
C PRO C 71 54.78 17.87 -23.81
N LYS C 72 54.88 19.16 -24.13
CA LYS C 72 55.96 19.73 -24.99
C LYS C 72 57.29 19.54 -24.26
N LEU C 73 58.40 19.47 -25.01
CA LEU C 73 59.75 19.15 -24.49
C LEU C 73 60.17 20.20 -23.44
N ASP C 74 59.78 21.47 -23.61
CA ASP C 74 60.13 22.58 -22.68
C ASP C 74 59.16 22.62 -21.47
N PHE C 75 58.19 21.70 -21.37
CA PHE C 75 57.28 21.57 -20.21
C PHE C 75 57.31 20.14 -19.67
N GLN C 76 58.50 19.54 -19.54
CA GLN C 76 58.68 18.14 -19.04
C GLN C 76 59.36 18.12 -17.67
N GLY C 77 59.71 19.30 -17.12
CA GLY C 77 60.27 19.43 -15.75
C GLY C 77 59.19 19.23 -14.70
N THR C 78 59.57 18.98 -13.44
CA THR C 78 58.65 18.74 -12.29
C THR C 78 57.60 19.85 -12.19
N GLU C 79 58.03 21.10 -12.10
CA GLU C 79 57.14 22.28 -11.86
C GLU C 79 56.27 22.54 -13.11
N SER C 80 56.83 22.31 -14.30
CA SER C 80 56.10 22.44 -15.59
C SER C 80 54.89 21.49 -15.59
N LEU C 81 55.13 20.20 -15.29
CA LEU C 81 54.10 19.14 -15.25
C LEU C 81 53.01 19.47 -14.23
N ASN C 82 53.37 20.06 -13.08
CA ASN C 82 52.40 20.44 -12.01
C ASN C 82 51.46 21.52 -12.54
N THR C 83 52.02 22.54 -13.20
CA THR C 83 51.26 23.69 -13.72
C THR C 83 50.31 23.19 -14.83
N LEU C 84 50.82 22.38 -15.77
CA LEU C 84 49.98 21.93 -16.91
C LEU C 84 48.92 20.95 -16.37
N ARG C 85 49.24 20.15 -15.35
CA ARG C 85 48.24 19.34 -14.62
C ARG C 85 47.14 20.24 -14.06
N ASP C 86 47.50 21.34 -13.39
CA ASP C 86 46.54 22.30 -12.80
C ASP C 86 45.63 22.91 -13.87
N ARG C 87 46.09 23.04 -15.12
CA ARG C 87 45.29 23.60 -16.25
C ARG C 87 44.11 22.67 -16.57
N ILE C 88 44.34 21.36 -16.58
CA ILE C 88 43.29 20.33 -16.86
C ILE C 88 42.13 20.51 -15.88
N THR C 89 42.40 20.79 -14.60
CA THR C 89 41.39 20.97 -13.51
C THR C 89 40.35 22.05 -13.89
N GLN C 90 40.75 23.07 -14.67
CA GLN C 90 39.85 24.21 -15.01
C GLN C 90 38.93 23.84 -16.19
N ILE C 91 39.20 22.75 -16.92
CA ILE C 91 38.22 22.22 -17.93
C ILE C 91 37.33 21.24 -17.17
N ASN C 92 36.15 21.69 -16.73
CA ASN C 92 35.15 20.81 -16.07
C ASN C 92 34.72 19.72 -17.07
N GLY C 93 34.64 18.46 -16.63
CA GLY C 93 34.23 17.31 -17.46
C GLY C 93 35.32 16.24 -17.57
N ILE C 94 36.45 16.42 -16.89
CA ILE C 94 37.47 15.36 -16.64
C ILE C 94 37.33 14.89 -15.19
N ASP C 95 37.52 13.59 -14.96
CA ASP C 95 37.24 12.88 -13.69
C ASP C 95 38.51 12.80 -12.83
N GLU C 96 39.58 12.24 -13.40
CA GLU C 96 40.85 11.99 -12.66
C GLU C 96 42.06 12.27 -13.56
N VAL C 97 43.16 12.76 -12.95
CA VAL C 97 44.48 13.04 -13.60
C VAL C 97 45.57 12.27 -12.85
N ARG C 98 46.33 11.41 -13.55
CA ARG C 98 47.40 10.54 -12.97
C ARG C 98 48.77 10.84 -13.61
N MET C 99 49.83 10.79 -12.80
CA MET C 99 51.25 10.86 -13.23
C MET C 99 51.90 9.49 -13.05
#